data_5RYZ
#
_entry.id   5RYZ
#
_cell.length_a   38.530
_cell.length_b   77.550
_cell.length_c   99.520
_cell.angle_alpha   90.000
_cell.angle_beta   90.000
_cell.angle_gamma   90.000
#
_symmetry.space_group_name_H-M   'P 21 21 21'
#
loop_
_entity.id
_entity.type
_entity.pdbx_description
1 polymer 'Isoform 2 of Band 4.1-like protein 3'
2 non-polymer 1-ethyl-N-(2-fluorophenyl)piperidin-4-amine
3 non-polymer 'DIMETHYL SULFOXIDE'
4 non-polymer 1,2-ETHANEDIOL
5 water water
#
_entity_poly.entity_id   1
_entity_poly.type   'polypeptide(L)'
_entity_poly.pdbx_seq_one_letter_code
;SMPKSMQCKVILLDGSEYTCDVEKRSRGQVLFDKVCEHLNLLEKDYFGLTYRDAENQKNWLDPAKEIKKQVRSGAWHFSF
NVKFYPPDPAQLSEDITRYYLCLQLRDDIVSGRLPCSFVTLALLGSYTVQSELGDYDPDECGSDYISEFRFAPNHTKELE
DKVIELHKSHRGMTPAEAEMHFLENAKKLSMYGVDLHHAKDSEGVEIMLGVCASGLLIYRDRLRINRFAWPKVLKISYKR
NNFYIKIRPGEFEQFESTIGFKLPNHRAAKRLWKVCVEHHTFFRLL
;
_entity_poly.pdbx_strand_id   A
#
loop_
_chem_comp.id
_chem_comp.type
_chem_comp.name
_chem_comp.formula
DMS non-polymer 'DIMETHYL SULFOXIDE' 'C2 H6 O S'
EDO non-polymer 1,2-ETHANEDIOL 'C2 H6 O2'
NVY non-polymer 1-ethyl-N-(2-fluorophenyl)piperidin-4-amine 'C13 H19 F N2'
#
# COMPACT_ATOMS: atom_id res chain seq x y z
N PRO A 3 -25.53 -23.79 11.84
CA PRO A 3 -24.16 -23.71 11.24
C PRO A 3 -23.43 -22.45 11.72
N LYS A 4 -22.38 -22.62 12.53
CA LYS A 4 -21.88 -21.54 13.40
C LYS A 4 -21.06 -20.51 12.61
N SER A 5 -21.35 -19.23 12.83
N SER A 5 -21.41 -19.24 12.77
CA SER A 5 -20.76 -18.08 12.11
CA SER A 5 -20.76 -18.08 12.12
C SER A 5 -20.03 -17.13 13.07
C SER A 5 -19.82 -17.40 13.11
N MET A 6 -18.93 -16.54 12.59
CA MET A 6 -18.08 -15.64 13.39
C MET A 6 -18.30 -14.25 12.81
N GLN A 7 -18.46 -13.27 13.67
CA GLN A 7 -18.58 -11.86 13.27
C GLN A 7 -17.19 -11.36 12.85
N CYS A 8 -17.12 -10.69 11.71
CA CYS A 8 -15.89 -10.11 11.16
C CYS A 8 -16.04 -8.61 11.13
N LYS A 9 -15.00 -7.88 11.50
CA LYS A 9 -15.01 -6.40 11.41
C LYS A 9 -13.84 -6.00 10.52
N VAL A 10 -14.15 -5.18 9.52
CA VAL A 10 -13.16 -4.77 8.50
C VAL A 10 -13.08 -3.27 8.46
N ILE A 11 -11.90 -2.71 8.73
CA ILE A 11 -11.65 -1.27 8.57
C ILE A 11 -11.45 -1.01 7.05
N LEU A 12 -12.30 -0.19 6.52
CA LEU A 12 -12.28 0.18 5.08
C LEU A 12 -11.32 1.36 4.87
N LEU A 13 -10.98 1.64 3.62
CA LEU A 13 -9.96 2.66 3.31
C LEU A 13 -10.48 4.07 3.61
N ASP A 14 -11.80 4.27 3.73
CA ASP A 14 -12.37 5.60 4.12
C ASP A 14 -12.44 5.71 5.65
N GLY A 15 -11.96 4.70 6.40
CA GLY A 15 -11.90 4.75 7.88
C GLY A 15 -13.15 4.16 8.52
N SER A 16 -14.15 3.86 7.72
CA SER A 16 -15.41 3.26 8.23
C SER A 16 -15.20 1.75 8.43
N GLU A 17 -16.17 1.13 9.10
CA GLU A 17 -16.12 -0.27 9.58
C GLU A 17 -17.24 -1.03 8.87
N TYR A 18 -16.91 -2.13 8.20
CA TYR A 18 -17.88 -3.09 7.63
C TYR A 18 -17.92 -4.32 8.52
N THR A 19 -19.12 -4.76 8.88
CA THR A 19 -19.36 -5.92 9.77
C THR A 19 -20.15 -6.94 8.98
N CYS A 20 -19.75 -8.20 9.05
CA CYS A 20 -20.47 -9.32 8.44
C CYS A 20 -20.19 -10.58 9.24
N ASP A 21 -20.87 -11.66 8.89
CA ASP A 21 -20.71 -12.98 9.54
C ASP A 21 -20.24 -13.90 8.44
N VAL A 22 -19.34 -14.80 8.77
CA VAL A 22 -18.97 -15.95 7.90
C VAL A 22 -18.98 -17.22 8.73
N GLU A 23 -19.12 -18.36 8.06
CA GLU A 23 -19.03 -19.64 8.76
C GLU A 23 -17.62 -19.78 9.35
N LYS A 24 -17.50 -20.30 10.57
CA LYS A 24 -16.21 -20.24 11.31
C LYS A 24 -15.06 -21.00 10.61
N ARG A 25 -15.38 -21.96 9.73
CA ARG A 25 -14.37 -22.75 8.97
C ARG A 25 -14.10 -22.14 7.59
N SER A 26 -14.65 -20.94 7.35
CA SER A 26 -14.49 -20.21 6.06
C SER A 26 -13.02 -19.92 5.75
N ARG A 27 -12.70 -20.04 4.47
CA ARG A 27 -11.43 -19.58 3.85
C ARG A 27 -11.48 -18.06 3.69
N GLY A 28 -10.32 -17.39 3.62
CA GLY A 28 -10.24 -15.92 3.54
C GLY A 28 -11.08 -15.38 2.38
N GLN A 29 -11.09 -16.11 1.26
CA GLN A 29 -11.78 -15.64 0.01
C GLN A 29 -13.24 -15.32 0.32
N VAL A 30 -13.88 -16.11 1.19
CA VAL A 30 -15.31 -15.90 1.53
C VAL A 30 -15.48 -14.45 2.01
N LEU A 31 -14.70 -14.05 3.01
CA LEU A 31 -14.80 -12.71 3.61
C LEU A 31 -14.38 -11.63 2.60
N PHE A 32 -13.31 -11.84 1.87
CA PHE A 32 -12.84 -10.87 0.87
C PHE A 32 -13.93 -10.63 -0.20
N ASP A 33 -14.61 -11.67 -0.64
CA ASP A 33 -15.68 -11.55 -1.65
C ASP A 33 -16.79 -10.67 -1.06
N LYS A 34 -17.21 -10.92 0.17
CA LYS A 34 -18.23 -10.06 0.83
C LYS A 34 -17.76 -8.61 0.88
N VAL A 35 -16.50 -8.36 1.22
CA VAL A 35 -16.03 -6.97 1.37
C VAL A 35 -16.01 -6.28 0.00
N CYS A 36 -15.52 -6.96 -1.02
CA CYS A 36 -15.42 -6.39 -2.38
C CYS A 36 -16.82 -6.14 -2.94
N GLU A 37 -17.76 -7.04 -2.70
CA GLU A 37 -19.18 -6.79 -3.10
C GLU A 37 -19.69 -5.53 -2.39
N HIS A 38 -19.47 -5.37 -1.08
CA HIS A 38 -19.83 -4.14 -0.35
C HIS A 38 -19.26 -2.91 -1.06
N LEU A 39 -18.02 -2.97 -1.51
CA LEU A 39 -17.28 -1.80 -2.06
C LEU A 39 -17.60 -1.63 -3.55
N ASN A 40 -18.41 -2.50 -4.15
CA ASN A 40 -18.67 -2.48 -5.61
C ASN A 40 -17.37 -2.59 -6.41
N LEU A 41 -16.45 -3.42 -5.94
CA LEU A 41 -15.08 -3.55 -6.51
C LEU A 41 -15.04 -4.84 -7.34
N LEU A 42 -14.74 -4.69 -8.64
CA LEU A 42 -14.59 -5.83 -9.56
C LEU A 42 -13.13 -6.19 -9.78
N GLU A 43 -12.22 -5.20 -9.80
CA GLU A 43 -10.80 -5.43 -10.05
C GLU A 43 -10.17 -5.78 -8.71
N LYS A 44 -10.50 -6.96 -8.23
CA LYS A 44 -10.18 -7.38 -6.84
C LYS A 44 -8.72 -7.84 -6.70
N ASP A 45 -8.05 -8.19 -7.81
CA ASP A 45 -6.72 -8.86 -7.77
C ASP A 45 -5.68 -7.99 -7.07
N TYR A 46 -5.85 -6.66 -7.07
CA TYR A 46 -4.83 -5.74 -6.50
C TYR A 46 -4.96 -5.60 -4.98
N PHE A 47 -6.01 -6.14 -4.38
CA PHE A 47 -6.39 -5.86 -2.97
C PHE A 47 -6.30 -7.13 -2.11
N GLY A 48 -6.42 -6.94 -0.80
CA GLY A 48 -6.36 -8.04 0.15
C GLY A 48 -6.84 -7.57 1.48
N LEU A 49 -7.01 -8.50 2.39
CA LEU A 49 -7.26 -8.13 3.80
C LEU A 49 -6.01 -8.37 4.63
N THR A 50 -5.80 -7.53 5.64
CA THR A 50 -4.73 -7.71 6.62
C THR A 50 -5.38 -8.00 7.96
N TYR A 51 -4.62 -8.63 8.83
CA TYR A 51 -4.93 -8.77 10.26
C TYR A 51 -3.61 -8.62 11.02
N ARG A 52 -3.73 -8.42 12.32
CA ARG A 52 -2.58 -8.25 13.24
C ARG A 52 -2.39 -9.59 13.94
N ASP A 53 -1.16 -10.10 13.96
CA ASP A 53 -0.83 -11.38 14.62
C ASP A 53 -0.60 -11.12 16.10
N ALA A 54 -0.26 -12.19 16.84
CA ALA A 54 -0.08 -12.19 18.31
C ALA A 54 1.07 -11.26 18.68
N GLU A 55 2.01 -11.01 17.74
CA GLU A 55 3.13 -10.03 17.90
C GLU A 55 2.74 -8.63 17.40
N ASN A 56 1.46 -8.40 17.09
CA ASN A 56 0.93 -7.14 16.50
C ASN A 56 1.56 -6.80 15.14
N GLN A 57 2.03 -7.78 14.38
CA GLN A 57 2.61 -7.49 13.04
C GLN A 57 1.45 -7.60 12.04
N LYS A 58 1.45 -6.76 11.01
CA LYS A 58 0.48 -6.85 9.89
C LYS A 58 0.78 -8.11 9.08
N ASN A 59 -0.25 -8.90 8.77
CA ASN A 59 -0.15 -10.10 7.95
C ASN A 59 -1.26 -10.03 6.92
N TRP A 60 -0.98 -10.46 5.68
CA TRP A 60 -2.03 -10.66 4.67
C TRP A 60 -2.86 -11.90 5.04
N LEU A 61 -4.17 -11.78 5.00
CA LEU A 61 -5.07 -12.93 5.10
C LEU A 61 -4.97 -13.69 3.78
N ASP A 62 -4.55 -14.95 3.86
CA ASP A 62 -4.41 -15.80 2.66
C ASP A 62 -5.83 -16.24 2.28
N PRO A 63 -6.36 -15.86 1.11
CA PRO A 63 -7.74 -16.19 0.75
C PRO A 63 -7.97 -17.67 0.53
N ALA A 64 -6.89 -18.40 0.31
CA ALA A 64 -6.91 -19.86 0.04
C ALA A 64 -6.79 -20.67 1.33
N LYS A 65 -6.70 -20.02 2.48
CA LYS A 65 -6.56 -20.72 3.78
C LYS A 65 -7.70 -20.35 4.73
N GLU A 66 -7.99 -21.25 5.64
CA GLU A 66 -9.01 -20.98 6.67
C GLU A 66 -8.65 -19.71 7.47
N ILE A 67 -9.62 -18.87 7.69
CA ILE A 67 -9.44 -17.64 8.48
C ILE A 67 -8.97 -18.01 9.89
N LYS A 68 -9.63 -18.98 10.51
CA LYS A 68 -9.38 -19.36 11.92
C LYS A 68 -7.92 -19.79 12.09
N LYS A 69 -7.33 -20.41 11.06
CA LYS A 69 -5.93 -20.91 11.12
C LYS A 69 -4.91 -19.79 10.90
N GLN A 70 -5.35 -18.60 10.56
CA GLN A 70 -4.48 -17.44 10.39
C GLN A 70 -4.65 -16.53 11.61
N VAL A 71 -5.87 -16.15 11.98
CA VAL A 71 -6.08 -15.19 13.10
C VAL A 71 -5.82 -15.94 14.42
N ARG A 72 -5.95 -17.27 14.40
CA ARG A 72 -5.62 -18.15 15.55
C ARG A 72 -6.35 -17.67 16.81
N SER A 73 -5.63 -17.12 17.79
CA SER A 73 -6.22 -16.75 19.10
C SER A 73 -6.64 -15.27 19.10
N GLY A 74 -6.44 -14.54 17.99
CA GLY A 74 -6.77 -13.11 17.93
C GLY A 74 -8.19 -12.83 17.50
N ALA A 75 -8.57 -11.55 17.53
CA ALA A 75 -9.91 -11.08 17.15
C ALA A 75 -10.05 -11.24 15.65
N TRP A 76 -11.28 -11.45 15.19
CA TRP A 76 -11.60 -11.47 13.72
C TRP A 76 -11.81 -10.03 13.25
N HIS A 77 -10.71 -9.31 13.27
CA HIS A 77 -10.64 -7.89 12.90
C HIS A 77 -9.58 -7.71 11.82
N PHE A 78 -9.96 -7.04 10.76
CA PHE A 78 -9.17 -6.97 9.50
C PHE A 78 -9.12 -5.54 9.00
N SER A 79 -8.22 -5.24 8.06
CA SER A 79 -8.25 -4.02 7.26
C SER A 79 -8.27 -4.40 5.79
N PHE A 80 -9.00 -3.62 5.00
CA PHE A 80 -8.97 -3.73 3.53
C PHE A 80 -7.88 -2.83 2.98
N ASN A 81 -7.00 -3.38 2.15
CA ASN A 81 -5.78 -2.69 1.71
C ASN A 81 -5.46 -3.05 0.26
N VAL A 82 -4.68 -2.18 -0.35
CA VAL A 82 -4.00 -2.51 -1.62
C VAL A 82 -2.85 -3.49 -1.28
N LYS A 83 -2.83 -4.62 -1.97
CA LYS A 83 -1.75 -5.63 -1.84
C LYS A 83 -0.71 -5.42 -2.95
N PHE A 84 -1.18 -5.28 -4.16
CA PHE A 84 -0.29 -5.10 -5.35
C PHE A 84 -0.57 -3.73 -5.95
N TYR A 85 0.41 -2.82 -5.86
CA TYR A 85 0.27 -1.44 -6.36
C TYR A 85 0.57 -1.47 -7.86
N PRO A 86 -0.41 -1.16 -8.71
CA PRO A 86 -0.17 -1.19 -10.15
C PRO A 86 0.89 -0.18 -10.55
N PRO A 87 1.95 -0.56 -11.30
CA PRO A 87 2.96 0.39 -11.73
C PRO A 87 2.35 1.47 -12.63
N ASP A 88 1.30 1.15 -13.36
CA ASP A 88 0.62 2.14 -14.23
C ASP A 88 -0.88 2.11 -13.99
N PRO A 89 -1.34 2.87 -12.99
CA PRO A 89 -2.76 2.89 -12.66
C PRO A 89 -3.70 3.30 -13.82
N ALA A 90 -3.19 3.93 -14.87
CA ALA A 90 -4.01 4.29 -16.05
C ALA A 90 -4.48 3.01 -16.74
N GLN A 91 -3.79 1.90 -16.52
CA GLN A 91 -4.11 0.63 -17.20
C GLN A 91 -5.24 -0.09 -16.46
N LEU A 92 -5.65 0.36 -15.27
CA LEU A 92 -6.82 -0.27 -14.61
C LEU A 92 -8.09 0.00 -15.43
N SER A 93 -9.02 -0.94 -15.42
CA SER A 93 -10.23 -0.89 -16.26
C SER A 93 -11.27 0.03 -15.63
N GLU A 94 -11.32 0.17 -14.29
CA GLU A 94 -12.40 0.96 -13.67
C GLU A 94 -11.87 2.11 -12.82
N ASP A 95 -12.60 3.20 -12.88
CA ASP A 95 -12.40 4.40 -12.06
C ASP A 95 -12.49 4.00 -10.58
N ILE A 96 -13.39 3.10 -10.22
CA ILE A 96 -13.60 2.85 -8.77
C ILE A 96 -12.36 2.15 -8.22
N THR A 97 -11.67 1.37 -9.04
CA THR A 97 -10.41 0.73 -8.60
C THR A 97 -9.41 1.84 -8.29
N ARG A 98 -9.33 2.82 -9.22
CA ARG A 98 -8.38 3.93 -9.03
C ARG A 98 -8.74 4.71 -7.76
N TYR A 99 -10.03 4.81 -7.44
CA TYR A 99 -10.51 5.54 -6.25
C TYR A 99 -9.97 4.85 -5.00
N TYR A 100 -10.15 3.55 -4.89
CA TYR A 100 -9.65 2.80 -3.72
C TYR A 100 -8.13 2.92 -3.66
N LEU A 101 -7.44 2.81 -4.80
CA LEU A 101 -5.96 2.95 -4.80
C LEU A 101 -5.58 4.35 -4.32
N CYS A 102 -6.33 5.40 -4.67
CA CYS A 102 -6.08 6.77 -4.14
C CYS A 102 -6.29 6.76 -2.62
N LEU A 103 -7.37 6.14 -2.14
CA LEU A 103 -7.60 6.14 -0.68
C LEU A 103 -6.42 5.50 0.02
N GLN A 104 -5.90 4.38 -0.51
CA GLN A 104 -4.77 3.68 0.16
C GLN A 104 -3.55 4.61 0.19
N LEU A 105 -3.26 5.24 -0.97
CA LEU A 105 -2.07 6.09 -1.10
C LEU A 105 -2.17 7.30 -0.19
N ARG A 106 -3.36 7.87 -0.01
CA ARG A 106 -3.51 8.99 0.93
C ARG A 106 -3.09 8.52 2.33
N ASP A 107 -3.46 7.30 2.75
CA ASP A 107 -3.03 6.77 4.07
C ASP A 107 -1.55 6.46 4.09
N ASP A 108 -1.01 5.96 3.00
CA ASP A 108 0.44 5.72 2.88
C ASP A 108 1.18 7.05 3.10
N ILE A 109 0.63 8.15 2.60
CA ILE A 109 1.28 9.48 2.69
C ILE A 109 1.15 9.99 4.12
N VAL A 110 -0.06 10.03 4.67
CA VAL A 110 -0.31 10.65 6.02
C VAL A 110 0.51 9.87 7.05
N SER A 111 0.57 8.55 6.87
CA SER A 111 1.28 7.62 7.77
C SER A 111 2.80 7.80 7.71
N GLY A 112 3.33 8.45 6.65
CA GLY A 112 4.77 8.55 6.36
C GLY A 112 5.41 7.31 5.74
N ARG A 113 4.66 6.26 5.41
CA ARG A 113 5.19 5.09 4.65
C ARG A 113 5.62 5.53 3.27
N LEU A 114 4.98 6.56 2.72
CA LEU A 114 5.28 7.01 1.33
C LEU A 114 5.80 8.44 1.40
N PRO A 115 7.12 8.61 1.51
CA PRO A 115 7.70 9.93 1.70
C PRO A 115 7.48 10.69 0.41
N CYS A 116 7.41 12.02 0.55
N CYS A 116 7.10 11.98 0.56
CA CYS A 116 6.90 12.89 -0.51
CA CYS A 116 6.85 12.93 -0.56
C CYS A 116 7.38 14.33 -0.29
C CYS A 116 7.57 14.25 -0.28
N SER A 117 7.88 14.98 -1.35
CA SER A 117 8.31 16.40 -1.27
C SER A 117 7.11 17.28 -0.92
N PHE A 118 7.37 18.46 -0.38
CA PHE A 118 6.35 19.51 -0.13
C PHE A 118 5.46 19.70 -1.36
N VAL A 119 6.08 19.92 -2.51
CA VAL A 119 5.33 20.25 -3.74
C VAL A 119 4.46 19.07 -4.13
N THR A 120 4.99 17.83 -4.07
CA THR A 120 4.15 16.66 -4.40
C THR A 120 3.03 16.47 -3.37
N LEU A 121 3.28 16.66 -2.07
CA LEU A 121 2.20 16.64 -1.05
C LEU A 121 1.10 17.63 -1.45
N ALA A 122 1.46 18.84 -1.85
CA ALA A 122 0.49 19.87 -2.22
C ALA A 122 -0.28 19.48 -3.49
N LEU A 123 0.41 18.92 -4.48
CA LEU A 123 -0.21 18.56 -5.77
C LEU A 123 -1.18 17.42 -5.53
N LEU A 124 -0.75 16.41 -4.78
CA LEU A 124 -1.63 15.24 -4.47
C LEU A 124 -2.86 15.77 -3.71
N GLY A 125 -2.64 16.54 -2.65
CA GLY A 125 -3.73 17.15 -1.89
C GLY A 125 -4.72 17.91 -2.81
N SER A 126 -4.20 18.73 -3.72
CA SER A 126 -5.02 19.55 -4.64
C SER A 126 -5.93 18.66 -5.51
N TYR A 127 -5.45 17.50 -5.98
CA TYR A 127 -6.26 16.59 -6.79
C TYR A 127 -7.34 15.95 -5.92
N THR A 128 -7.01 15.56 -4.72
CA THR A 128 -8.04 14.97 -3.83
C THR A 128 -9.15 16.01 -3.61
N VAL A 129 -8.78 17.25 -3.29
CA VAL A 129 -9.75 18.34 -3.00
C VAL A 129 -10.61 18.52 -4.26
N GLN A 130 -9.99 18.59 -5.43
CA GLN A 130 -10.73 18.78 -6.69
C GLN A 130 -11.72 17.62 -6.89
N SER A 131 -11.28 16.38 -6.65
N SER A 131 -11.28 16.38 -6.62
CA SER A 131 -12.13 15.19 -6.85
CA SER A 131 -12.08 15.16 -6.85
C SER A 131 -13.34 15.27 -5.94
C SER A 131 -13.30 15.14 -5.91
N GLU A 132 -13.11 15.52 -4.65
CA GLU A 132 -14.16 15.39 -3.61
C GLU A 132 -15.01 16.65 -3.47
N LEU A 133 -14.46 17.85 -3.63
CA LEU A 133 -15.28 19.08 -3.49
C LEU A 133 -15.65 19.66 -4.84
N GLY A 134 -14.93 19.33 -5.91
CA GLY A 134 -15.13 19.95 -7.22
C GLY A 134 -14.40 21.29 -7.29
N ASP A 135 -14.88 22.19 -8.15
CA ASP A 135 -14.18 23.45 -8.47
C ASP A 135 -13.96 24.29 -7.22
N TYR A 136 -12.82 24.97 -7.14
CA TYR A 136 -12.42 25.84 -6.02
C TYR A 136 -13.49 26.93 -5.82
N ASP A 137 -13.84 27.20 -4.57
CA ASP A 137 -14.76 28.29 -4.13
C ASP A 137 -14.09 29.12 -3.03
N PRO A 138 -13.85 30.42 -3.29
CA PRO A 138 -13.22 31.31 -2.30
C PRO A 138 -14.06 31.47 -1.01
N ASP A 139 -15.36 31.19 -1.10
CA ASP A 139 -16.35 31.44 -0.01
C ASP A 139 -16.02 30.55 1.21
N GLU A 140 -15.50 29.35 0.96
CA GLU A 140 -15.16 28.34 2.00
C GLU A 140 -13.73 28.58 2.52
N CYS A 141 -12.92 29.41 1.86
N CYS A 141 -12.97 29.35 1.73
CA CYS A 141 -11.50 29.63 2.24
CA CYS A 141 -11.48 29.41 1.75
C CYS A 141 -11.13 31.11 2.16
C CYS A 141 -10.99 30.29 2.90
N GLY A 142 -10.89 31.73 3.32
N GLY A 142 -10.20 31.32 2.57
CA GLY A 142 -10.16 33.01 3.44
CA GLY A 142 -9.41 32.07 3.55
C GLY A 142 -8.67 32.73 3.52
C GLY A 142 -8.33 31.18 4.16
N SER A 143 -7.87 33.74 3.90
N SER A 143 -8.72 29.97 4.57
CA SER A 143 -6.39 33.61 4.09
CA SER A 143 -7.82 29.01 5.27
C SER A 143 -6.11 32.53 5.16
C SER A 143 -8.35 27.57 5.22
N ASP A 144 -6.94 32.46 6.21
N ASP A 144 -9.61 27.31 5.61
CA ASP A 144 -6.82 31.49 7.32
CA ASP A 144 -10.06 25.93 5.94
C ASP A 144 -7.70 30.25 7.09
C ASP A 144 -11.50 25.59 5.50
N TYR A 145 -7.54 29.57 5.96
N TYR A 145 -11.76 25.47 4.18
CA TYR A 145 -8.20 28.26 5.71
CA TYR A 145 -12.82 24.59 3.60
C TYR A 145 -7.26 27.12 6.13
C TYR A 145 -12.23 23.19 3.39
N ILE A 146 -7.78 26.16 6.90
N ILE A 146 -10.94 22.99 3.66
CA ILE A 146 -7.19 24.80 7.09
CA ILE A 146 -10.23 21.69 3.42
C ILE A 146 -8.23 23.78 6.63
C ILE A 146 -9.41 21.32 4.66
N SER A 147 -7.84 22.90 5.69
N SER A 147 -9.00 22.31 5.46
CA SER A 147 -8.69 21.83 5.13
CA SER A 147 -8.35 22.03 6.76
C SER A 147 -8.90 20.76 6.21
C SER A 147 -8.61 20.56 7.07
N GLU A 148 -10.07 20.11 6.20
N GLU A 148 -9.88 20.18 7.21
CA GLU A 148 -10.39 18.96 7.09
CA GLU A 148 -10.35 18.77 7.34
C GLU A 148 -9.59 17.75 6.62
C GLU A 148 -9.36 17.79 6.69
N PHE A 149 -9.27 17.74 5.32
CA PHE A 149 -8.47 16.70 4.60
C PHE A 149 -7.11 16.58 5.28
N ARG A 150 -6.62 15.35 5.43
CA ARG A 150 -5.27 15.05 5.94
C ARG A 150 -4.42 14.79 4.69
N PHE A 151 -3.39 15.57 4.51
CA PHE A 151 -2.53 15.56 3.31
C PHE A 151 -1.14 15.03 3.57
N ALA A 152 -0.67 15.00 4.81
CA ALA A 152 0.75 14.82 5.08
C ALA A 152 0.92 14.37 6.51
N PRO A 153 2.07 13.76 6.82
CA PRO A 153 2.34 13.34 8.20
C PRO A 153 2.40 14.56 9.13
N ASN A 154 2.75 15.72 8.58
CA ASN A 154 2.83 16.98 9.36
C ASN A 154 2.28 18.15 8.52
N HIS A 155 1.19 18.74 9.00
CA HIS A 155 0.52 19.84 8.27
C HIS A 155 1.10 21.19 8.69
N THR A 156 1.35 22.04 7.71
CA THR A 156 1.78 23.44 7.94
C THR A 156 0.83 24.37 7.20
N LYS A 157 0.78 25.62 7.65
CA LYS A 157 -0.05 26.62 6.96
C LYS A 157 0.44 26.72 5.52
N GLU A 158 1.77 26.69 5.31
CA GLU A 158 2.36 26.80 3.95
C GLU A 158 1.80 25.70 3.05
N LEU A 159 1.75 24.46 3.56
CA LEU A 159 1.22 23.32 2.78
C LEU A 159 -0.27 23.56 2.44
N GLU A 160 -1.07 23.97 3.42
CA GLU A 160 -2.49 24.30 3.20
C GLU A 160 -2.63 25.34 2.10
N ASP A 161 -1.80 26.38 2.14
CA ASP A 161 -1.83 27.49 1.16
C ASP A 161 -1.52 26.95 -0.25
N LYS A 162 -0.57 26.03 -0.34
CA LYS A 162 -0.15 25.51 -1.67
C LYS A 162 -1.22 24.60 -2.25
N VAL A 163 -1.83 23.73 -1.44
CA VAL A 163 -3.00 22.94 -1.89
C VAL A 163 -4.02 23.89 -2.51
N ILE A 164 -4.38 24.99 -1.83
CA ILE A 164 -5.42 25.90 -2.33
C ILE A 164 -4.95 26.51 -3.64
N GLU A 165 -3.68 26.96 -3.71
CA GLU A 165 -3.20 27.60 -4.96
C GLU A 165 -3.34 26.61 -6.13
N LEU A 166 -2.97 25.33 -5.93
CA LEU A 166 -3.05 24.32 -7.02
C LEU A 166 -4.51 23.94 -7.28
N HIS A 167 -5.33 23.89 -6.25
CA HIS A 167 -6.77 23.55 -6.38
C HIS A 167 -7.42 24.57 -7.34
N LYS A 168 -7.04 25.82 -7.20
CA LYS A 168 -7.60 26.89 -8.09
C LYS A 168 -7.32 26.52 -9.55
N SER A 169 -6.16 25.94 -9.85
CA SER A 169 -5.68 25.68 -11.23
C SER A 169 -6.48 24.52 -11.85
N HIS A 170 -7.21 23.74 -11.06
CA HIS A 170 -7.88 22.51 -11.54
C HIS A 170 -9.35 22.74 -11.92
N ARG A 171 -9.80 23.98 -12.08
CA ARG A 171 -11.23 24.24 -12.40
C ARG A 171 -11.65 23.43 -13.63
N GLY A 172 -12.79 22.76 -13.56
CA GLY A 172 -13.40 22.01 -14.67
C GLY A 172 -13.00 20.54 -14.62
N MET A 173 -12.10 20.16 -13.71
CA MET A 173 -11.57 18.77 -13.65
C MET A 173 -12.59 17.89 -12.93
N THR A 174 -12.89 16.71 -13.48
CA THR A 174 -13.91 15.78 -12.96
C THR A 174 -13.21 14.83 -11.98
N PRO A 175 -13.95 14.13 -11.10
CA PRO A 175 -13.33 13.29 -10.07
C PRO A 175 -12.43 12.20 -10.63
N ALA A 176 -12.82 11.47 -11.68
CA ALA A 176 -11.97 10.40 -12.25
C ALA A 176 -10.72 11.05 -12.82
N GLU A 177 -10.87 12.21 -13.46
CA GLU A 177 -9.71 12.90 -14.09
C GLU A 177 -8.72 13.35 -12.98
N ALA A 178 -9.22 13.88 -11.87
CA ALA A 178 -8.38 14.36 -10.75
C ALA A 178 -7.69 13.15 -10.12
N GLU A 179 -8.44 12.07 -9.91
CA GLU A 179 -7.86 10.83 -9.32
C GLU A 179 -6.78 10.28 -10.25
N MET A 180 -7.00 10.29 -11.58
CA MET A 180 -5.94 9.83 -12.48
C MET A 180 -4.69 10.71 -12.33
N HIS A 181 -4.83 12.04 -12.24
CA HIS A 181 -3.67 12.93 -12.08
C HIS A 181 -3.00 12.63 -10.73
N PHE A 182 -3.79 12.41 -9.70
CA PHE A 182 -3.22 12.01 -8.40
C PHE A 182 -2.28 10.83 -8.64
N LEU A 183 -2.78 9.81 -9.29
CA LEU A 183 -2.04 8.55 -9.45
C LEU A 183 -0.85 8.71 -10.39
N GLU A 184 -0.98 9.50 -11.45
CA GLU A 184 0.18 9.76 -12.35
C GLU A 184 1.35 10.36 -11.57
N ASN A 185 1.09 11.20 -10.56
CA ASN A 185 2.16 11.77 -9.70
C ASN A 185 2.65 10.73 -8.69
N ALA A 186 1.73 10.11 -7.97
CA ALA A 186 2.08 9.19 -6.86
C ALA A 186 2.92 8.02 -7.37
N LYS A 187 2.65 7.53 -8.59
CA LYS A 187 3.24 6.28 -9.13
C LYS A 187 4.74 6.50 -9.34
N LYS A 188 5.19 7.76 -9.39
CA LYS A 188 6.59 8.11 -9.72
C LYS A 188 7.45 8.20 -8.46
N LEU A 189 6.82 8.22 -7.29
CA LEU A 189 7.51 8.42 -6.02
C LEU A 189 8.42 7.22 -5.79
N SER A 190 9.63 7.46 -5.32
CA SER A 190 10.62 6.36 -5.20
C SER A 190 10.14 5.26 -4.25
N MET A 191 9.22 5.51 -3.30
CA MET A 191 8.72 4.44 -2.40
C MET A 191 7.30 3.97 -2.75
N TYR A 192 6.77 4.38 -3.90
CA TYR A 192 5.46 3.90 -4.38
C TYR A 192 5.42 2.39 -4.44
N GLY A 193 4.44 1.80 -3.75
CA GLY A 193 4.19 0.35 -3.71
C GLY A 193 5.37 -0.46 -3.17
N VAL A 194 6.25 0.14 -2.36
CA VAL A 194 7.39 -0.63 -1.78
C VAL A 194 6.96 -1.05 -0.38
N ASP A 195 6.94 -2.34 -0.12
CA ASP A 195 6.68 -2.93 1.21
C ASP A 195 8.04 -3.10 1.89
N LEU A 196 8.32 -2.42 2.99
CA LEU A 196 9.67 -2.36 3.62
C LEU A 196 9.78 -3.34 4.79
N HIS A 197 10.89 -4.06 4.86
CA HIS A 197 11.14 -5.04 5.93
C HIS A 197 12.50 -4.76 6.54
N HIS A 198 12.58 -4.59 7.85
CA HIS A 198 13.84 -4.47 8.62
C HIS A 198 14.64 -5.78 8.53
N ALA A 199 15.95 -5.72 8.32
CA ALA A 199 16.82 -6.90 8.21
C ALA A 199 18.26 -6.52 8.56
N LYS A 200 19.12 -7.51 8.68
CA LYS A 200 20.59 -7.29 8.74
C LYS A 200 21.25 -8.04 7.60
N ASP A 201 22.37 -7.53 7.08
CA ASP A 201 23.12 -8.22 6.01
C ASP A 201 23.92 -9.33 6.68
N SER A 202 24.58 -10.16 5.88
CA SER A 202 25.37 -11.35 6.32
C SER A 202 26.57 -10.91 7.18
N GLU A 203 26.72 -9.63 7.47
CA GLU A 203 27.77 -9.07 8.36
C GLU A 203 27.13 -8.43 9.60
N GLY A 204 25.79 -8.42 9.73
CA GLY A 204 25.07 -7.81 10.85
C GLY A 204 24.76 -6.32 10.67
N VAL A 205 25.05 -5.72 9.51
CA VAL A 205 24.74 -4.28 9.25
C VAL A 205 23.22 -4.18 9.00
N GLU A 206 22.55 -3.30 9.74
CA GLU A 206 21.11 -3.02 9.62
C GLU A 206 20.83 -2.48 8.22
N ILE A 207 19.90 -3.11 7.52
CA ILE A 207 19.48 -2.70 6.16
C ILE A 207 17.96 -2.68 6.12
N MET A 208 17.39 -2.34 4.97
CA MET A 208 15.94 -2.53 4.69
C MET A 208 15.80 -3.28 3.37
N LEU A 209 14.88 -4.24 3.33
CA LEU A 209 14.47 -4.94 2.09
C LEU A 209 13.14 -4.34 1.63
N GLY A 210 13.06 -3.94 0.36
CA GLY A 210 11.82 -3.43 -0.22
C GLY A 210 11.29 -4.43 -1.19
N VAL A 211 10.01 -4.69 -1.13
CA VAL A 211 9.36 -5.63 -2.08
C VAL A 211 8.43 -4.80 -2.97
N CYS A 212 8.54 -4.93 -4.27
CA CYS A 212 7.67 -4.11 -5.15
C CYS A 212 7.49 -4.82 -6.48
N ALA A 213 6.71 -4.21 -7.36
CA ALA A 213 6.41 -4.78 -8.68
C ALA A 213 7.66 -5.18 -9.46
N SER A 214 8.69 -4.34 -9.40
CA SER A 214 9.90 -4.50 -10.25
C SER A 214 10.79 -5.59 -9.67
N GLY A 215 10.88 -5.66 -8.34
CA GLY A 215 11.77 -6.64 -7.71
C GLY A 215 12.04 -6.39 -6.27
N LEU A 216 13.22 -6.78 -5.87
CA LEU A 216 13.64 -6.71 -4.45
C LEU A 216 14.70 -5.63 -4.35
N LEU A 217 14.52 -4.70 -3.41
CA LEU A 217 15.50 -3.62 -3.20
C LEU A 217 16.22 -3.88 -1.89
N ILE A 218 17.51 -3.58 -1.84
CA ILE A 218 18.27 -3.59 -0.56
C ILE A 218 18.72 -2.15 -0.35
N TYR A 219 18.26 -1.52 0.73
CA TYR A 219 18.69 -0.17 1.16
C TYR A 219 19.74 -0.32 2.26
N ARG A 220 20.97 0.13 2.01
CA ARG A 220 22.16 -0.22 2.84
C ARG A 220 22.65 1.00 3.63
N ASP A 221 23.25 2.00 2.97
CA ASP A 221 23.94 3.14 3.64
C ASP A 221 23.58 4.48 2.97
N ARG A 222 22.50 4.52 2.18
CA ARG A 222 21.98 5.73 1.46
C ARG A 222 22.64 5.85 0.09
N LEU A 223 23.96 5.62 0.00
CA LEU A 223 24.73 5.62 -1.28
C LEU A 223 24.62 4.24 -1.95
N ARG A 224 24.34 3.19 -1.18
CA ARG A 224 24.24 1.80 -1.68
C ARG A 224 22.79 1.31 -1.57
N ILE A 225 22.05 1.41 -2.68
CA ILE A 225 20.77 0.68 -2.95
C ILE A 225 21.03 -0.31 -4.09
N ASN A 226 20.86 -1.61 -3.81
CA ASN A 226 20.95 -2.70 -4.81
C ASN A 226 19.52 -3.14 -5.18
N ARG A 227 19.27 -3.37 -6.46
CA ARG A 227 17.93 -3.70 -7.02
C ARG A 227 18.03 -5.00 -7.81
N PHE A 228 17.17 -5.98 -7.50
CA PHE A 228 17.14 -7.30 -8.16
C PHE A 228 15.78 -7.41 -8.82
N ALA A 229 15.74 -7.18 -10.13
CA ALA A 229 14.53 -7.34 -10.95
C ALA A 229 14.05 -8.79 -10.76
N TRP A 230 12.74 -9.00 -10.65
CA TRP A 230 12.17 -10.34 -10.39
C TRP A 230 12.75 -11.42 -11.32
N PRO A 231 12.91 -11.17 -12.65
CA PRO A 231 13.39 -12.24 -13.53
C PRO A 231 14.79 -12.73 -13.14
N LYS A 232 15.61 -11.91 -12.48
CA LYS A 232 16.95 -12.32 -11.97
C LYS A 232 16.82 -13.24 -10.74
N VAL A 233 15.60 -13.59 -10.27
CA VAL A 233 15.38 -14.33 -8.98
C VAL A 233 14.70 -15.67 -9.26
N LEU A 234 15.39 -16.80 -9.02
CA LEU A 234 14.86 -18.16 -9.35
C LEU A 234 14.25 -18.85 -8.14
N LYS A 235 14.76 -18.55 -6.95
CA LYS A 235 14.24 -19.16 -5.71
C LYS A 235 14.35 -18.16 -4.55
N ILE A 236 13.26 -18.09 -3.81
CA ILE A 236 13.13 -17.34 -2.52
C ILE A 236 13.04 -18.45 -1.45
N SER A 237 13.76 -18.33 -0.35
CA SER A 237 13.70 -19.35 0.72
C SER A 237 13.90 -18.70 2.10
N TYR A 238 13.43 -19.36 3.16
CA TYR A 238 13.75 -18.94 4.54
C TYR A 238 14.16 -20.15 5.38
N LYS A 239 14.94 -19.90 6.41
CA LYS A 239 15.38 -20.97 7.35
C LYS A 239 15.63 -20.28 8.67
N ARG A 240 14.88 -20.65 9.71
CA ARG A 240 15.01 -20.05 11.06
C ARG A 240 14.76 -18.53 10.88
N ASN A 241 15.72 -17.67 11.22
CA ASN A 241 15.51 -16.20 11.17
C ASN A 241 16.13 -15.65 9.89
N ASN A 242 16.46 -16.54 8.94
CA ASN A 242 17.23 -16.18 7.73
C ASN A 242 16.34 -16.26 6.49
N PHE A 243 16.59 -15.32 5.58
CA PHE A 243 15.92 -15.23 4.28
C PHE A 243 17.02 -15.21 3.21
N TYR A 244 16.82 -16.01 2.16
CA TYR A 244 17.78 -16.18 1.04
C TYR A 244 17.07 -15.95 -0.32
N ILE A 245 17.77 -15.31 -1.26
CA ILE A 245 17.28 -15.23 -2.67
C ILE A 245 18.26 -15.97 -3.60
N LYS A 246 17.77 -16.89 -4.45
CA LYS A 246 18.60 -17.57 -5.48
C LYS A 246 18.46 -16.81 -6.81
N ILE A 247 19.55 -16.11 -7.14
CA ILE A 247 19.82 -15.34 -8.40
C ILE A 247 20.15 -16.29 -9.56
N ARG A 248 19.50 -16.08 -10.72
CA ARG A 248 19.92 -16.66 -12.03
C ARG A 248 21.43 -16.49 -12.22
N PRO A 249 22.16 -17.49 -12.79
CA PRO A 249 23.54 -17.27 -13.22
C PRO A 249 23.59 -16.15 -14.28
N GLY A 250 24.45 -15.13 -14.09
CA GLY A 250 24.72 -14.09 -15.09
C GLY A 250 25.30 -14.66 -16.40
N GLU A 251 25.36 -13.88 -17.48
CA GLU A 251 25.81 -14.44 -18.78
C GLU A 251 27.24 -14.96 -18.60
N PHE A 252 27.52 -16.15 -19.12
CA PHE A 252 28.87 -16.80 -19.10
C PHE A 252 29.30 -17.16 -17.66
N GLU A 253 28.43 -17.01 -16.66
CA GLU A 253 28.77 -17.42 -15.27
C GLU A 253 28.36 -18.89 -15.09
N GLN A 254 29.19 -19.68 -14.40
CA GLN A 254 28.95 -21.14 -14.26
C GLN A 254 27.82 -21.39 -13.23
N PHE A 255 27.76 -20.60 -12.14
CA PHE A 255 26.95 -20.87 -10.92
C PHE A 255 25.94 -19.76 -10.64
N GLU A 256 24.70 -20.17 -10.29
CA GLU A 256 23.70 -19.33 -9.62
C GLU A 256 24.39 -18.68 -8.43
N SER A 257 23.81 -17.66 -7.79
CA SER A 257 24.25 -17.27 -6.43
C SER A 257 23.04 -17.12 -5.50
N THR A 258 23.25 -17.40 -4.22
CA THR A 258 22.21 -17.28 -3.17
C THR A 258 22.64 -16.09 -2.32
N ILE A 259 21.73 -15.16 -1.96
CA ILE A 259 22.07 -14.02 -1.05
C ILE A 259 21.18 -14.12 0.19
N GLY A 260 21.79 -13.92 1.36
CA GLY A 260 21.26 -14.30 2.69
C GLY A 260 21.10 -13.10 3.60
N PHE A 261 19.98 -13.01 4.32
CA PHE A 261 19.73 -11.89 5.26
C PHE A 261 19.18 -12.43 6.59
N LYS A 262 19.41 -11.67 7.65
CA LYS A 262 18.91 -11.95 9.02
C LYS A 262 17.65 -11.12 9.29
N LEU A 263 16.55 -11.76 9.66
CA LEU A 263 15.29 -11.03 10.00
C LEU A 263 15.11 -11.02 11.51
N PRO A 264 14.25 -10.11 12.02
CA PRO A 264 13.99 -9.97 13.45
C PRO A 264 13.71 -11.29 14.19
N ASN A 265 13.03 -12.20 13.51
CA ASN A 265 12.62 -13.53 14.06
C ASN A 265 12.12 -14.38 12.92
N HIS A 266 11.69 -15.61 13.21
CA HIS A 266 11.30 -16.61 12.19
C HIS A 266 10.02 -16.16 11.47
N ARG A 267 9.10 -15.57 12.24
CA ARG A 267 7.81 -15.13 11.67
C ARG A 267 8.08 -14.08 10.61
N ALA A 268 8.98 -13.13 10.89
CA ALA A 268 9.33 -12.03 9.97
C ALA A 268 9.99 -12.60 8.71
N ALA A 269 10.81 -13.64 8.82
CA ALA A 269 11.46 -14.23 7.63
C ALA A 269 10.40 -14.93 6.75
N LYS A 270 9.45 -15.64 7.35
CA LYS A 270 8.41 -16.37 6.61
C LYS A 270 7.51 -15.35 5.92
N ARG A 271 7.16 -14.26 6.61
CA ARG A 271 6.32 -13.15 6.10
C ARG A 271 6.98 -12.51 4.89
N LEU A 272 8.28 -12.24 4.98
CA LEU A 272 8.99 -11.60 3.85
C LEU A 272 9.04 -12.58 2.67
N TRP A 273 9.32 -13.87 2.92
CA TRP A 273 9.32 -14.92 1.88
C TRP A 273 7.96 -14.92 1.16
N LYS A 274 6.85 -14.95 1.91
CA LYS A 274 5.49 -15.10 1.32
C LYS A 274 5.18 -13.88 0.44
N VAL A 275 5.43 -12.67 0.94
CA VAL A 275 5.18 -11.43 0.15
C VAL A 275 6.05 -11.42 -1.11
N CYS A 276 7.30 -11.90 -1.07
CA CYS A 276 8.18 -11.95 -2.27
C CYS A 276 7.58 -12.90 -3.30
N VAL A 277 7.26 -14.13 -2.88
CA VAL A 277 6.65 -15.15 -3.77
C VAL A 277 5.39 -14.55 -4.40
N GLU A 278 4.53 -13.90 -3.59
CA GLU A 278 3.27 -13.36 -4.12
C GLU A 278 3.53 -12.29 -5.18
N HIS A 279 4.44 -11.35 -4.90
CA HIS A 279 4.83 -10.27 -5.82
C HIS A 279 5.39 -10.89 -7.10
N HIS A 280 6.29 -11.85 -6.97
CA HIS A 280 6.95 -12.49 -8.14
C HIS A 280 5.87 -13.10 -9.04
N THR A 281 4.93 -13.82 -8.43
CA THR A 281 3.84 -14.47 -9.20
C THR A 281 2.96 -13.39 -9.84
N PHE A 282 2.56 -12.39 -9.07
CA PHE A 282 1.58 -11.41 -9.58
C PHE A 282 2.18 -10.66 -10.76
N PHE A 283 3.42 -10.19 -10.60
CA PHE A 283 4.04 -9.26 -11.56
C PHE A 283 4.68 -10.06 -12.73
N ARG A 284 4.97 -11.35 -12.58
CA ARG A 284 5.21 -12.30 -13.72
C ARG A 284 3.99 -12.33 -14.69
N LEU A 285 2.75 -12.22 -14.18
CA LEU A 285 1.53 -12.47 -15.01
C LEU A 285 0.91 -11.15 -15.50
N LEU A 286 0.97 -10.10 -14.69
CA LEU A 286 0.17 -8.87 -14.87
C LEU A 286 0.21 -8.46 -16.34
N1 NVY B . 9.41 2.19 -8.11
C4 NVY B . 11.24 1.17 -6.74
C5 NVY B . 11.85 0.51 -8.01
C6 NVY B . 10.73 0.29 -9.03
C7 NVY B . 10.00 1.61 -9.39
C8 NVY B . 13.21 -1.61 -8.53
C10 NVY B . 14.47 -1.98 -10.58
C13 NVY B . 13.51 -2.96 -8.18
C1 NVY B . 9.14 4.47 -9.24
C11 NVY B . 14.74 -3.29 -10.21
C12 NVY B . 14.26 -3.79 -9.00
C2 NVY B . 8.49 3.39 -8.35
C3 NVY B . 10.46 2.45 -7.11
C9 NVY B . 13.72 -1.16 -9.76
F1 NVY B . 13.04 -3.45 -7.04
N2 NVY B . 12.42 -0.83 -7.66
S DMS C . -7.75 3.36 7.64
O DMS C . -7.36 3.40 6.18
C1 DMS C . -6.23 3.59 8.54
C2 DMS C . -8.46 4.95 7.99
C1 EDO D . -15.22 2.82 -16.12
O1 EDO D . -14.98 3.15 -14.76
C2 EDO D . -14.64 3.80 -17.04
O2 EDO D . -13.23 3.91 -16.96
C1 EDO E . -0.39 -0.57 5.20
O1 EDO E . -1.64 -0.12 5.72
C2 EDO E . -0.51 -1.47 4.05
O2 EDO E . -1.25 -2.66 4.26
C1 EDO F . 6.40 1.35 5.59
O1 EDO F . 7.20 0.77 6.58
C2 EDO F . 6.72 0.92 4.19
O2 EDO F . 6.52 -0.45 3.96
C1 EDO G . -8.56 12.36 5.57
O1 EDO G . -8.88 13.62 6.09
C2 EDO G . -8.05 12.44 4.19
O2 EDO G . -6.88 11.67 3.92
C1 EDO H . 5.86 -16.85 20.08
O1 EDO H . 4.92 -16.73 21.16
C2 EDO H . 5.43 -16.21 18.80
O2 EDO H . 5.52 -17.04 17.64
C1 EDO I . 3.15 1.10 1.33
O1 EDO I . 2.38 0.81 2.48
C2 EDO I . 3.43 -0.12 0.54
O2 EDO I . 3.50 -1.27 1.39
#